data_5XA5
#
_entry.id   5XA5
#
_cell.length_a   57.095
_cell.length_b   57.095
_cell.length_c   155.436
_cell.angle_alpha   90.000
_cell.angle_beta   90.000
_cell.angle_gamma   120.000
#
_symmetry.space_group_name_H-M   'P 31 2 1'
#
loop_
_entity.id
_entity.type
_entity.pdbx_description
1 polymer 'Alpha-catenin-like protein hmp-1'
2 polymer 'Beta-catenin-like protein hmp-2'
3 water water
#
loop_
_entity_poly.entity_id
_entity_poly.type
_entity_poly.pdbx_seq_one_letter_code
_entity_poly.pdbx_strand_id
1 'polypeptide(L)'
;GGILDPANGNSHAYFNIDEVRSKNVLKQITQLINEVTNITETFPLKPGQTTEGLVATLDAAVANFLQTGSFAISKCPIAN
SDPRAIDLLHEALGAVQDTGQVMIQTGRDFVRDSTSTNKRAIATNSGRNLLTAVAKFLILADSIDVKVIVDKVDEVRETA
HQMIEADTKIKVDDLYNLLISQIEELDITVRRRAIDLVKPNQRDDLLAARSALRQTAPLLYTSTRTFVRHPEHEEARRNR
DYTADEMHSALNALESVLNGQQPKVTFSEYGRIGDLINE
;
A
2 'polypeptide(L)' GGIQTSAAEATNSTTSIVEMMQMPTQQLKQSVMDLLTYEGSNDMSGLS B
#
# COMPACT_ATOMS: atom_id res chain seq x y z
N ILE A 17 5.99 6.45 -13.30
CA ILE A 17 6.14 7.18 -12.04
C ILE A 17 4.84 7.88 -11.67
N ASP A 18 4.05 8.25 -12.68
CA ASP A 18 2.79 8.97 -12.50
C ASP A 18 1.68 8.09 -11.92
N GLU A 19 1.93 6.80 -11.80
CA GLU A 19 0.98 5.86 -11.23
C GLU A 19 1.25 5.68 -9.74
N VAL A 20 2.35 6.27 -9.28
CA VAL A 20 2.73 6.18 -7.88
C VAL A 20 1.87 7.13 -7.07
N ARG A 21 1.14 6.58 -6.11
CA ARG A 21 0.15 7.36 -5.36
CA ARG A 21 0.16 7.38 -5.37
C ARG A 21 0.56 7.57 -3.90
N SER A 22 1.63 6.88 -3.48
CA SER A 22 2.12 6.98 -2.10
C SER A 22 3.38 7.82 -2.06
N LYS A 23 3.39 8.84 -1.20
CA LYS A 23 4.62 9.66 -1.03
C LYS A 23 5.77 8.88 -0.40
N ASN A 24 5.45 7.93 0.47
CA ASN A 24 6.46 7.07 1.05
C ASN A 24 7.16 6.29 -0.06
N VAL A 25 6.37 5.69 -0.95
CA VAL A 25 6.95 4.96 -2.09
C VAL A 25 7.67 5.91 -3.04
N LEU A 26 7.06 7.06 -3.30
CA LEU A 26 7.62 8.00 -4.27
C LEU A 26 9.02 8.42 -3.84
N LYS A 27 9.19 8.75 -2.56
CA LYS A 27 10.51 9.22 -2.09
C LYS A 27 11.53 8.10 -2.16
N GLN A 28 11.12 6.90 -1.78
CA GLN A 28 12.03 5.76 -1.83
C GLN A 28 12.49 5.46 -3.25
N ILE A 29 11.56 5.42 -4.19
CA ILE A 29 11.89 5.12 -5.57
CA ILE A 29 11.94 5.08 -5.56
C ILE A 29 12.72 6.24 -6.18
N THR A 30 12.45 7.48 -5.77
CA THR A 30 13.22 8.59 -6.31
C THR A 30 14.68 8.45 -5.87
N GLN A 31 14.89 8.04 -4.63
CA GLN A 31 16.25 7.77 -4.13
C GLN A 31 16.90 6.67 -4.94
N LEU A 32 16.18 5.57 -5.09
CA LEU A 32 16.72 4.39 -5.77
C LEU A 32 17.23 4.76 -7.17
N ILE A 33 16.35 5.38 -7.95
CA ILE A 33 16.63 5.66 -9.35
C ILE A 33 17.64 6.77 -9.53
N ASN A 34 17.46 7.89 -8.83
CA ASN A 34 18.39 8.99 -8.98
C ASN A 34 19.82 8.66 -8.57
N GLU A 35 19.99 7.97 -7.46
CA GLU A 35 21.34 7.75 -6.96
C GLU A 35 22.13 6.86 -7.89
N VAL A 36 21.52 5.79 -8.38
CA VAL A 36 22.28 4.80 -9.14
C VAL A 36 22.52 5.26 -10.58
N THR A 37 21.74 6.22 -11.05
CA THR A 37 21.93 6.74 -12.41
C THR A 37 22.70 8.06 -12.44
N ASN A 38 23.18 8.51 -11.28
CA ASN A 38 23.88 9.79 -11.19
C ASN A 38 25.22 9.69 -10.45
N ILE A 39 25.90 8.57 -10.62
CA ILE A 39 27.19 8.39 -9.98
C ILE A 39 28.26 9.23 -10.67
N THR A 40 28.87 10.14 -9.92
CA THR A 40 29.96 10.95 -10.43
C THR A 40 31.25 10.61 -9.69
N GLU A 41 31.32 11.05 -8.44
CA GLU A 41 32.51 10.84 -7.61
C GLU A 41 32.62 9.41 -7.11
N THR A 42 33.85 8.92 -7.00
CA THR A 42 34.09 7.62 -6.38
C THR A 42 34.99 7.79 -5.16
N PHE A 43 35.04 6.75 -4.33
CA PHE A 43 35.67 6.83 -3.01
C PHE A 43 36.50 5.61 -2.67
N PRO A 44 37.50 5.79 -1.80
CA PRO A 44 38.18 4.58 -1.33
C PRO A 44 37.29 3.72 -0.46
N LEU A 45 37.75 2.52 -0.17
CA LEU A 45 37.09 1.62 0.76
C LEU A 45 36.98 2.26 2.14
N LYS A 46 35.86 2.05 2.81
CA LYS A 46 35.75 2.48 4.20
C LYS A 46 36.77 1.69 5.01
N PRO A 47 37.20 2.23 6.17
CA PRO A 47 38.20 1.53 6.98
C PRO A 47 37.78 0.10 7.33
N GLY A 48 38.67 -0.84 7.06
CA GLY A 48 38.43 -2.24 7.36
C GLY A 48 37.71 -3.02 6.28
N GLN A 49 37.16 -2.31 5.29
CA GLN A 49 36.41 -2.97 4.23
C GLN A 49 37.33 -3.53 3.15
N THR A 50 36.83 -4.52 2.40
CA THR A 50 37.54 -5.05 1.24
C THR A 50 36.64 -5.15 0.03
N THR A 51 37.24 -5.37 -1.14
CA THR A 51 36.45 -5.55 -2.34
C THR A 51 35.54 -6.77 -2.18
N GLU A 52 36.07 -7.86 -1.65
CA GLU A 52 35.23 -9.04 -1.44
C GLU A 52 34.13 -8.77 -0.40
N GLY A 53 34.44 -7.97 0.61
CA GLY A 53 33.45 -7.55 1.59
C GLY A 53 32.31 -6.73 1.01
N LEU A 54 32.60 -5.91 -0.01
CA LEU A 54 31.55 -5.15 -0.68
C LEU A 54 30.52 -6.06 -1.30
N VAL A 55 30.99 -7.13 -1.94
CA VAL A 55 30.11 -8.09 -2.57
C VAL A 55 29.35 -8.87 -1.49
N ALA A 56 30.04 -9.23 -0.41
CA ALA A 56 29.41 -9.97 0.69
C ALA A 56 28.25 -9.18 1.28
N THR A 57 28.47 -7.89 1.53
CA THR A 57 27.43 -7.04 2.06
C THR A 57 26.24 -6.98 1.10
N LEU A 58 26.53 -6.81 -0.18
CA LEU A 58 25.49 -6.76 -1.20
C LEU A 58 24.69 -8.06 -1.19
N ASP A 59 25.39 -9.18 -1.13
CA ASP A 59 24.76 -10.50 -1.12
C ASP A 59 23.81 -10.63 0.08
N ALA A 60 24.27 -10.22 1.26
CA ALA A 60 23.48 -10.30 2.48
C ALA A 60 22.27 -9.37 2.42
N ALA A 61 22.45 -8.22 1.79
CA ALA A 61 21.37 -7.24 1.69
C ALA A 61 20.29 -7.72 0.74
N VAL A 62 20.69 -8.34 -0.37
CA VAL A 62 19.73 -8.97 -1.27
C VAL A 62 18.94 -10.03 -0.52
N ALA A 63 19.66 -10.90 0.19
CA ALA A 63 19.02 -11.97 0.94
C ALA A 63 18.04 -11.45 1.98
N ASN A 64 18.43 -10.40 2.72
CA ASN A 64 17.56 -9.89 3.77
C ASN A 64 16.29 -9.27 3.17
N PHE A 65 16.44 -8.63 2.01
CA PHE A 65 15.30 -8.07 1.30
C PHE A 65 14.33 -9.19 0.93
N LEU A 66 14.86 -10.29 0.42
CA LEU A 66 14.03 -11.41 0.02
C LEU A 66 13.33 -12.04 1.22
N GLN A 67 14.02 -12.11 2.35
CA GLN A 67 13.46 -12.73 3.55
C GLN A 67 12.34 -11.87 4.12
N THR A 68 12.59 -10.58 4.26
CA THR A 68 11.57 -9.71 4.82
CA THR A 68 11.60 -9.65 4.79
C THR A 68 10.40 -9.55 3.84
N GLY A 69 10.70 -9.50 2.55
CA GLY A 69 9.67 -9.47 1.52
C GLY A 69 8.74 -10.67 1.60
N SER A 70 9.32 -11.86 1.75
CA SER A 70 8.52 -13.09 1.88
C SER A 70 7.64 -13.07 3.11
N PHE A 71 8.19 -12.61 4.23
CA PHE A 71 7.44 -12.51 5.47
C PHE A 71 6.28 -11.52 5.32
N ALA A 72 6.58 -10.36 4.73
CA ALA A 72 5.58 -9.29 4.52
C ALA A 72 4.41 -9.81 3.68
N ILE A 73 4.74 -10.56 2.64
CA ILE A 73 3.72 -11.10 1.74
C ILE A 73 2.85 -12.13 2.46
N SER A 74 3.48 -12.98 3.27
CA SER A 74 2.77 -14.04 3.98
C SER A 74 1.80 -13.50 5.02
N LYS A 75 2.06 -12.30 5.53
CA LYS A 75 1.21 -11.71 6.56
C LYS A 75 0.14 -10.82 5.98
N CYS A 76 0.16 -10.63 4.65
CA CYS A 76 -0.79 -9.73 4.00
C CYS A 76 -2.21 -10.23 4.20
N PRO A 77 -3.07 -9.40 4.78
CA PRO A 77 -4.42 -9.84 5.18
C PRO A 77 -5.32 -10.32 4.04
N ILE A 78 -4.99 -10.07 2.79
CA ILE A 78 -5.81 -10.63 1.72
C ILE A 78 -5.17 -11.81 1.01
N ALA A 79 -4.29 -12.52 1.72
CA ALA A 79 -3.56 -13.70 1.21
C ALA A 79 -4.53 -14.74 0.66
N ASN A 80 -5.58 -14.98 1.44
CA ASN A 80 -6.67 -15.85 1.07
C ASN A 80 -7.47 -15.33 -0.11
N SER A 81 -7.94 -14.09 0.05
CA SER A 81 -9.05 -13.54 -0.71
C SER A 81 -8.66 -13.21 -2.15
N ASP A 82 -7.38 -12.94 -2.34
CA ASP A 82 -6.87 -12.45 -3.62
C ASP A 82 -5.58 -13.17 -4.00
N PRO A 83 -5.70 -14.37 -4.56
CA PRO A 83 -4.52 -15.20 -4.86
C PRO A 83 -3.66 -14.67 -6.00
N ARG A 84 -4.27 -14.07 -7.01
CA ARG A 84 -3.50 -13.46 -8.10
C ARG A 84 -2.67 -12.28 -7.62
N ALA A 85 -3.13 -11.60 -6.58
CA ALA A 85 -2.40 -10.46 -6.04
C ALA A 85 -1.10 -10.96 -5.41
N ILE A 86 -1.22 -11.99 -4.59
CA ILE A 86 -0.06 -12.62 -3.97
C ILE A 86 0.89 -13.18 -5.02
N ASP A 87 0.35 -13.69 -6.11
CA ASP A 87 1.17 -14.21 -7.21
C ASP A 87 2.01 -13.12 -7.86
N LEU A 88 1.43 -11.94 -8.05
CA LEU A 88 2.17 -10.83 -8.62
C LEU A 88 3.31 -10.43 -7.71
N LEU A 89 3.03 -10.42 -6.40
CA LEU A 89 4.02 -10.03 -5.40
C LEU A 89 5.20 -10.98 -5.41
N HIS A 90 4.92 -12.28 -5.50
CA HIS A 90 5.99 -13.26 -5.54
C HIS A 90 6.79 -13.12 -6.83
N GLU A 91 6.10 -12.85 -7.93
CA GLU A 91 6.75 -12.63 -9.22
C GLU A 91 7.69 -11.41 -9.17
N ALA A 92 7.20 -10.33 -8.57
CA ALA A 92 7.99 -9.11 -8.48
C ALA A 92 9.19 -9.29 -7.55
N LEU A 93 8.98 -10.05 -6.47
CA LEU A 93 10.08 -10.35 -5.56
C LEU A 93 11.12 -11.22 -6.26
N GLY A 94 10.64 -12.11 -7.13
CA GLY A 94 11.52 -12.97 -7.90
C GLY A 94 12.40 -12.16 -8.83
N ALA A 95 11.88 -11.06 -9.35
CA ALA A 95 12.65 -10.20 -10.23
C ALA A 95 13.79 -9.53 -9.46
N VAL A 96 13.56 -9.25 -8.18
CA VAL A 96 14.62 -8.72 -7.32
C VAL A 96 15.69 -9.80 -7.09
N GLN A 97 15.26 -11.03 -6.83
CA GLN A 97 16.20 -12.13 -6.64
C GLN A 97 17.08 -12.32 -7.87
N ASP A 98 16.46 -12.26 -9.04
CA ASP A 98 17.17 -12.51 -10.29
C ASP A 98 18.14 -11.37 -10.62
N THR A 99 17.66 -10.13 -10.65
CA THR A 99 18.55 -9.00 -10.92
C THR A 99 19.60 -8.90 -9.85
N GLY A 100 19.23 -9.34 -8.64
CA GLY A 100 20.15 -9.36 -7.52
C GLY A 100 21.31 -10.29 -7.82
N GLN A 101 20.99 -11.45 -8.39
CA GLN A 101 22.03 -12.40 -8.76
C GLN A 101 22.98 -11.83 -9.81
N VAL A 102 22.43 -11.20 -10.83
CA VAL A 102 23.25 -10.57 -11.86
C VAL A 102 24.13 -9.46 -11.26
N MET A 103 23.58 -8.69 -10.32
CA MET A 103 24.36 -7.65 -9.67
C MET A 103 25.53 -8.22 -8.88
N ILE A 104 25.30 -9.32 -8.18
CA ILE A 104 26.34 -9.95 -7.38
C ILE A 104 27.46 -10.49 -8.28
N GLN A 105 27.08 -11.05 -9.42
CA GLN A 105 28.08 -11.55 -10.36
C GLN A 105 28.88 -10.46 -11.05
N THR A 106 28.19 -9.49 -11.65
CA THR A 106 28.88 -8.43 -12.38
C THR A 106 29.61 -7.53 -11.41
N GLY A 107 29.02 -7.37 -10.23
CA GLY A 107 29.66 -6.59 -9.19
C GLY A 107 30.97 -7.22 -8.78
N ARG A 108 30.97 -8.54 -8.67
CA ARG A 108 32.19 -9.26 -8.30
C ARG A 108 33.23 -9.12 -9.40
N ASP A 109 32.78 -9.23 -10.65
CA ASP A 109 33.66 -9.05 -11.81
C ASP A 109 34.32 -7.68 -11.77
N PHE A 110 33.53 -6.67 -11.40
CA PHE A 110 34.05 -5.31 -11.36
C PHE A 110 35.08 -5.11 -10.26
N VAL A 111 34.75 -5.48 -9.03
CA VAL A 111 35.64 -5.18 -7.91
C VAL A 111 36.96 -5.95 -8.03
N ARG A 112 36.94 -7.03 -8.81
CA ARG A 112 38.13 -7.84 -9.00
C ARG A 112 39.00 -7.32 -10.14
N ASP A 113 38.44 -6.42 -10.94
CA ASP A 113 39.18 -5.77 -12.03
C ASP A 113 38.74 -4.30 -12.03
N SER A 114 39.00 -3.62 -10.92
CA SER A 114 38.30 -2.37 -10.63
C SER A 114 38.76 -1.17 -11.49
N THR A 115 39.78 -1.37 -12.31
CA THR A 115 40.22 -0.31 -13.22
C THR A 115 39.56 -0.43 -14.59
N SER A 116 38.81 -1.51 -14.78
CA SER A 116 38.12 -1.74 -16.04
C SER A 116 36.89 -0.84 -16.15
N THR A 117 37.00 0.22 -16.93
CA THR A 117 35.88 1.13 -17.17
C THR A 117 34.66 0.38 -17.69
N ASN A 118 34.90 -0.61 -18.54
CA ASN A 118 33.81 -1.38 -19.12
C ASN A 118 33.11 -2.31 -18.13
N LYS A 119 33.88 -2.89 -17.20
CA LYS A 119 33.26 -3.73 -16.17
C LYS A 119 32.52 -2.88 -15.15
N ARG A 120 33.00 -1.65 -14.94
CA ARG A 120 32.29 -0.72 -14.05
C ARG A 120 30.94 -0.38 -14.64
N ALA A 121 30.92 -0.11 -15.94
CA ALA A 121 29.70 0.22 -16.65
C ALA A 121 28.68 -0.92 -16.60
N ILE A 122 29.16 -2.14 -16.80
CA ILE A 122 28.28 -3.30 -16.75
C ILE A 122 27.69 -3.50 -15.36
N ALA A 123 28.52 -3.35 -14.33
CA ALA A 123 28.07 -3.45 -12.95
C ALA A 123 27.06 -2.34 -12.60
N THR A 124 27.32 -1.14 -13.12
CA THR A 124 26.41 0.00 -12.91
C THR A 124 25.06 -0.25 -13.56
N ASN A 125 25.10 -0.81 -14.77
CA ASN A 125 23.86 -1.20 -15.45
C ASN A 125 23.10 -2.28 -14.68
N SER A 126 23.85 -3.23 -14.11
CA SER A 126 23.24 -4.26 -13.27
C SER A 126 22.56 -3.62 -12.07
N GLY A 127 23.20 -2.59 -11.50
CA GLY A 127 22.67 -1.88 -10.35
C GLY A 127 21.39 -1.15 -10.68
N ARG A 128 21.37 -0.50 -11.84
CA ARG A 128 20.15 0.16 -12.30
C ARG A 128 19.00 -0.84 -12.43
N ASN A 129 19.28 -1.98 -13.03
CA ASN A 129 18.26 -3.01 -13.20
C ASN A 129 17.75 -3.54 -11.88
N LEU A 130 18.64 -3.75 -10.92
CA LEU A 130 18.27 -4.29 -9.61
C LEU A 130 17.43 -3.29 -8.82
N LEU A 131 17.87 -2.05 -8.76
CA LEU A 131 17.15 -1.06 -7.95
C LEU A 131 15.83 -0.67 -8.63
N THR A 132 15.76 -0.84 -9.94
CA THR A 132 14.50 -0.63 -10.66
C THR A 132 13.51 -1.75 -10.32
N ALA A 133 14.03 -2.96 -10.17
CA ALA A 133 13.19 -4.10 -9.80
C ALA A 133 12.70 -3.95 -8.36
N VAL A 134 13.54 -3.36 -7.51
CA VAL A 134 13.12 -3.04 -6.14
C VAL A 134 12.01 -2.00 -6.17
N ALA A 135 12.17 -0.98 -7.01
CA ALA A 135 11.17 0.07 -7.13
C ALA A 135 9.83 -0.48 -7.63
N LYS A 136 9.87 -1.37 -8.62
CA LYS A 136 8.64 -1.96 -9.14
C LYS A 136 7.95 -2.80 -8.08
N PHE A 137 8.74 -3.49 -7.25
CA PHE A 137 8.17 -4.27 -6.15
C PHE A 137 7.44 -3.37 -5.16
N LEU A 138 8.03 -2.22 -4.84
CA LEU A 138 7.40 -1.32 -3.89
C LEU A 138 6.11 -0.76 -4.45
N ILE A 139 6.08 -0.50 -5.76
CA ILE A 139 4.89 0.09 -6.40
C ILE A 139 3.76 -0.92 -6.35
N LEU A 140 4.10 -2.16 -6.67
CA LEU A 140 3.12 -3.25 -6.59
C LEU A 140 2.68 -3.45 -5.13
N ALA A 141 3.62 -3.37 -4.19
CA ALA A 141 3.29 -3.52 -2.78
C ALA A 141 2.27 -2.49 -2.33
N ASP A 142 2.42 -1.26 -2.79
CA ASP A 142 1.46 -0.22 -2.42
C ASP A 142 0.09 -0.56 -2.99
N SER A 143 0.04 -1.11 -4.19
CA SER A 143 -1.26 -1.39 -4.80
C SER A 143 -1.99 -2.47 -4.01
N ILE A 144 -1.22 -3.38 -3.43
CA ILE A 144 -1.81 -4.47 -2.62
C ILE A 144 -2.23 -3.93 -1.26
N ASP A 145 -1.41 -3.04 -0.72
CA ASP A 145 -1.78 -2.33 0.50
C ASP A 145 -3.12 -1.59 0.29
N VAL A 146 -3.34 -1.05 -0.91
CA VAL A 146 -4.59 -0.35 -1.19
C VAL A 146 -5.74 -1.35 -1.25
N LYS A 147 -5.49 -2.52 -1.84
CA LYS A 147 -6.53 -3.55 -1.94
C LYS A 147 -7.01 -3.98 -0.56
N VAL A 148 -6.10 -3.98 0.39
CA VAL A 148 -6.47 -4.27 1.79
C VAL A 148 -7.44 -3.23 2.34
N ILE A 149 -7.22 -1.95 2.02
CA ILE A 149 -8.14 -0.91 2.47
C ILE A 149 -9.48 -1.11 1.80
N VAL A 150 -9.46 -1.40 0.50
CA VAL A 150 -10.72 -1.61 -0.25
C VAL A 150 -11.50 -2.78 0.33
N ASP A 151 -10.80 -3.81 0.77
CA ASP A 151 -11.44 -4.97 1.39
C ASP A 151 -12.17 -4.55 2.68
N LYS A 152 -11.58 -3.59 3.40
CA LYS A 152 -12.21 -3.06 4.62
C LYS A 152 -13.46 -2.26 4.30
N VAL A 153 -13.40 -1.46 3.23
CA VAL A 153 -14.60 -0.76 2.72
C VAL A 153 -15.71 -1.75 2.39
N ASP A 154 -15.35 -2.86 1.76
CA ASP A 154 -16.34 -3.88 1.39
C ASP A 154 -16.98 -4.50 2.62
N GLU A 155 -16.19 -4.67 3.67
CA GLU A 155 -16.69 -5.24 4.91
C GLU A 155 -17.71 -4.30 5.53
N VAL A 156 -17.39 -3.00 5.56
CA VAL A 156 -18.34 -1.99 6.06
C VAL A 156 -19.60 -2.01 5.19
N ARG A 157 -19.42 -2.10 3.88
CA ARG A 157 -20.57 -2.12 2.97
C ARG A 157 -21.51 -3.29 3.27
N GLU A 158 -20.94 -4.47 3.54
CA GLU A 158 -21.77 -5.65 3.79
C GLU A 158 -22.48 -5.57 5.15
N THR A 159 -21.77 -5.09 6.16
CA THR A 159 -22.41 -4.91 7.45
C THR A 159 -23.57 -3.92 7.35
N ALA A 160 -23.37 -2.82 6.62
CA ALA A 160 -24.44 -1.85 6.41
C ALA A 160 -25.59 -2.48 5.63
N HIS A 161 -25.26 -3.31 4.64
CA HIS A 161 -26.28 -4.01 3.88
C HIS A 161 -27.16 -4.84 4.82
N GLN A 162 -26.51 -5.59 5.70
CA GLN A 162 -27.23 -6.45 6.62
C GLN A 162 -28.07 -5.62 7.58
N MET A 163 -27.55 -4.45 7.97
CA MET A 163 -28.29 -3.60 8.90
C MET A 163 -29.58 -3.11 8.25
N ILE A 164 -29.50 -2.73 6.98
CA ILE A 164 -30.66 -2.25 6.22
C ILE A 164 -31.69 -3.37 6.07
N GLU A 165 -31.21 -4.60 5.93
CA GLU A 165 -32.11 -5.74 5.71
C GLU A 165 -32.66 -6.34 7.00
N ALA A 166 -32.09 -5.98 8.14
CA ALA A 166 -32.47 -6.59 9.42
C ALA A 166 -33.95 -6.40 9.71
N ASP A 167 -34.56 -7.43 10.28
CA ASP A 167 -36.00 -7.43 10.48
C ASP A 167 -36.37 -7.27 11.95
N THR A 168 -35.39 -7.11 12.82
CA THR A 168 -35.71 -6.87 14.21
CA THR A 168 -35.65 -6.94 14.24
C THR A 168 -34.81 -5.81 14.83
N LYS A 169 -35.32 -5.17 15.88
CA LYS A 169 -34.60 -4.11 16.54
C LYS A 169 -33.27 -4.61 17.12
N ILE A 170 -33.29 -5.80 17.72
CA ILE A 170 -32.09 -6.40 18.30
C ILE A 170 -31.00 -6.65 17.25
N LYS A 171 -31.41 -7.08 16.05
CA LYS A 171 -30.43 -7.24 14.97
C LYS A 171 -29.85 -5.90 14.53
N VAL A 172 -30.69 -4.86 14.45
CA VAL A 172 -30.20 -3.56 14.01
C VAL A 172 -29.16 -3.03 15.00
N ASP A 173 -29.43 -3.15 16.29
CA ASP A 173 -28.45 -2.73 17.30
C ASP A 173 -27.15 -3.53 17.25
N ASP A 174 -27.28 -4.85 17.10
CA ASP A 174 -26.08 -5.70 17.08
C ASP A 174 -25.24 -5.43 15.84
N LEU A 175 -25.90 -5.26 14.70
CA LEU A 175 -25.15 -4.94 13.49
C LEU A 175 -24.54 -3.54 13.58
N TYR A 176 -25.21 -2.58 14.20
CA TYR A 176 -24.60 -1.27 14.29
C TYR A 176 -23.43 -1.33 15.28
N ASN A 177 -23.52 -2.16 16.32
CA ASN A 177 -22.35 -2.32 17.18
C ASN A 177 -21.11 -2.79 16.39
N LEU A 178 -21.31 -3.68 15.44
CA LEU A 178 -20.22 -4.15 14.59
CA LEU A 178 -20.24 -4.15 14.58
C LEU A 178 -19.77 -3.03 13.67
N LEU A 179 -20.72 -2.34 13.06
CA LEU A 179 -20.41 -1.27 12.14
C LEU A 179 -19.58 -0.16 12.78
N ILE A 180 -19.88 0.17 14.05
CA ILE A 180 -19.16 1.23 14.75
C ILE A 180 -17.70 0.91 14.72
N SER A 181 -17.36 -0.33 15.08
CA SER A 181 -15.94 -0.70 15.17
C SER A 181 -15.31 -0.77 13.80
N GLN A 182 -16.03 -1.30 12.82
CA GLN A 182 -15.45 -1.43 11.48
C GLN A 182 -15.16 -0.06 10.88
N ILE A 183 -16.07 0.88 11.11
CA ILE A 183 -15.89 2.23 10.57
C ILE A 183 -14.77 2.96 11.30
N GLU A 184 -14.64 2.73 12.61
CA GLU A 184 -13.52 3.32 13.34
C GLU A 184 -12.17 2.82 12.82
N GLU A 185 -12.07 1.51 12.57
CA GLU A 185 -10.88 0.89 11.99
C GLU A 185 -10.57 1.47 10.61
N LEU A 186 -11.60 1.56 9.77
CA LEU A 186 -11.44 2.07 8.42
C LEU A 186 -11.01 3.53 8.47
N ASP A 187 -11.61 4.28 9.39
CA ASP A 187 -11.32 5.71 9.49
C ASP A 187 -9.85 5.95 9.75
N ILE A 188 -9.25 5.17 10.64
CA ILE A 188 -7.82 5.30 10.93
C ILE A 188 -6.96 5.06 9.70
N THR A 189 -7.23 3.99 8.96
CA THR A 189 -6.40 3.64 7.81
CA THR A 189 -6.37 3.65 7.83
C THR A 189 -6.61 4.63 6.68
N VAL A 190 -7.83 5.12 6.52
CA VAL A 190 -8.08 6.10 5.46
C VAL A 190 -7.43 7.44 5.74
N ARG A 191 -7.46 7.90 6.99
CA ARG A 191 -6.77 9.14 7.35
C ARG A 191 -5.28 9.04 7.08
N ARG A 192 -4.69 7.89 7.40
CA ARG A 192 -3.26 7.70 7.18
C ARG A 192 -2.96 7.65 5.69
N ARG A 193 -3.83 6.99 4.93
CA ARG A 193 -3.66 6.95 3.48
C ARG A 193 -3.72 8.36 2.90
N ALA A 194 -4.66 9.17 3.40
CA ALA A 194 -4.80 10.52 2.91
C ALA A 194 -3.51 11.33 3.08
N ILE A 195 -2.87 11.18 4.23
CA ILE A 195 -1.60 11.87 4.52
C ILE A 195 -0.48 11.43 3.56
N ASP A 196 -0.55 10.18 3.11
CA ASP A 196 0.49 9.60 2.26
C ASP A 196 0.20 9.81 0.78
N LEU A 197 -0.98 10.32 0.41
CA LEU A 197 -1.30 10.47 -1.01
C LEU A 197 -0.51 11.57 -1.70
N VAL A 198 0.00 11.24 -2.89
CA VAL A 198 0.78 12.17 -3.70
C VAL A 198 -0.07 13.33 -4.21
N LYS A 199 -1.21 13.04 -4.81
CA LYS A 199 -2.05 14.08 -5.39
C LYS A 199 -3.05 14.66 -4.39
N PRO A 200 -2.96 15.99 -4.14
CA PRO A 200 -3.79 16.66 -3.14
CA PRO A 200 -3.79 16.66 -3.15
C PRO A 200 -5.28 16.55 -3.46
N ASN A 201 -5.62 16.40 -4.73
CA ASN A 201 -7.02 16.28 -5.06
C ASN A 201 -7.55 14.91 -4.63
N GLN A 202 -6.73 13.88 -4.72
CA GLN A 202 -7.10 12.55 -4.24
C GLN A 202 -7.18 12.58 -2.73
N ARG A 203 -6.21 13.26 -2.13
CA ARG A 203 -6.21 13.49 -0.69
C ARG A 203 -7.52 14.13 -0.25
N ASP A 204 -7.88 15.24 -0.88
CA ASP A 204 -9.08 15.98 -0.48
C ASP A 204 -10.35 15.16 -0.74
N ASP A 205 -10.38 14.46 -1.87
CA ASP A 205 -11.52 13.60 -2.21
C ASP A 205 -11.67 12.45 -1.23
N LEU A 206 -10.56 11.86 -0.80
CA LEU A 206 -10.61 10.75 0.13
C LEU A 206 -11.13 11.25 1.48
N LEU A 207 -10.65 12.40 1.90
CA LEU A 207 -11.08 12.97 3.17
C LEU A 207 -12.56 13.36 3.12
N ALA A 208 -13.03 13.82 1.97
CA ALA A 208 -14.43 14.19 1.84
C ALA A 208 -15.31 12.96 1.96
N ALA A 209 -14.89 11.88 1.29
CA ALA A 209 -15.64 10.62 1.37
C ALA A 209 -15.62 10.06 2.79
N ARG A 210 -14.46 10.13 3.46
CA ARG A 210 -14.38 9.75 4.87
C ARG A 210 -15.39 10.50 5.73
N SER A 211 -15.43 11.81 5.57
CA SER A 211 -16.36 12.64 6.33
CA SER A 211 -16.36 12.64 6.32
C SER A 211 -17.81 12.24 6.07
N ALA A 212 -18.12 11.99 4.80
CA ALA A 212 -19.48 11.61 4.42
C ALA A 212 -19.87 10.28 5.06
N LEU A 213 -18.95 9.31 5.03
CA LEU A 213 -19.22 8.05 5.71
C LEU A 213 -19.49 8.27 7.20
N ARG A 214 -18.65 9.06 7.87
CA ARG A 214 -18.82 9.26 9.30
C ARG A 214 -20.14 9.94 9.66
N GLN A 215 -20.60 10.84 8.81
CA GLN A 215 -21.87 11.54 9.04
C GLN A 215 -23.07 10.66 8.71
N THR A 216 -22.95 9.85 7.65
CA THR A 216 -24.08 9.09 7.15
CA THR A 216 -24.11 9.11 7.17
C THR A 216 -24.38 7.84 7.99
N ALA A 217 -23.35 7.16 8.46
CA ALA A 217 -23.64 5.89 9.14
C ALA A 217 -24.55 6.02 10.38
N PRO A 218 -24.33 7.02 11.26
CA PRO A 218 -25.21 7.16 12.41
C PRO A 218 -26.65 7.45 11.99
N LEU A 219 -26.82 8.16 10.89
CA LEU A 219 -28.17 8.45 10.40
C LEU A 219 -28.81 7.20 9.81
N LEU A 220 -28.00 6.35 9.20
CA LEU A 220 -28.50 5.08 8.69
C LEU A 220 -28.96 4.20 9.85
N TYR A 221 -28.19 4.19 10.93
CA TYR A 221 -28.58 3.44 12.13
C TYR A 221 -29.95 3.89 12.61
N THR A 222 -30.15 5.19 12.80
CA THR A 222 -31.38 5.59 13.45
C THR A 222 -32.56 5.52 12.47
N SER A 223 -32.33 5.72 11.18
CA SER A 223 -33.40 5.58 10.20
CA SER A 223 -33.41 5.59 10.20
C SER A 223 -33.85 4.13 10.07
N THR A 224 -32.89 3.19 10.09
CA THR A 224 -33.24 1.77 10.01
CA THR A 224 -33.29 1.79 9.99
C THR A 224 -33.95 1.29 11.27
N ARG A 225 -33.48 1.78 12.42
CA ARG A 225 -34.05 1.40 13.71
CA ARG A 225 -34.05 1.36 13.68
C ARG A 225 -35.48 1.87 13.81
N THR A 226 -35.73 3.11 13.39
CA THR A 226 -37.07 3.67 13.45
C THR A 226 -37.98 2.93 12.48
N PHE A 227 -37.46 2.62 11.29
CA PHE A 227 -38.29 1.95 10.29
C PHE A 227 -38.68 0.51 10.66
N VAL A 228 -37.82 -0.23 11.36
CA VAL A 228 -38.19 -1.60 11.73
CA VAL A 228 -38.19 -1.59 11.75
C VAL A 228 -39.29 -1.55 12.80
N ARG A 229 -39.33 -0.46 13.55
CA ARG A 229 -40.34 -0.30 14.61
C ARG A 229 -41.66 0.21 14.06
N HIS A 230 -41.60 0.95 12.96
CA HIS A 230 -42.78 1.56 12.35
C HIS A 230 -42.81 1.45 10.82
N PRO A 231 -43.04 0.25 10.30
CA PRO A 231 -42.98 0.09 8.84
C PRO A 231 -44.08 0.83 8.02
N GLU A 232 -45.13 1.33 8.68
CA GLU A 232 -46.32 1.89 8.03
C GLU A 232 -46.17 3.37 7.72
N HIS A 233 -45.13 3.86 8.35
CA HIS A 233 -44.63 5.20 8.43
C HIS A 233 -43.81 5.55 7.18
N GLU A 234 -44.44 6.20 6.20
CA GLU A 234 -43.85 6.31 4.86
C GLU A 234 -42.70 7.31 4.76
N GLU A 235 -42.67 8.29 5.66
CA GLU A 235 -41.52 9.17 5.73
C GLU A 235 -40.35 8.42 6.35
N ALA A 236 -40.65 7.49 7.25
CA ALA A 236 -39.59 6.67 7.84
C ALA A 236 -38.92 5.81 6.75
N ARG A 237 -39.73 5.29 5.84
CA ARG A 237 -39.21 4.48 4.74
C ARG A 237 -38.33 5.31 3.82
N ARG A 238 -38.84 6.48 3.45
CA ARG A 238 -38.12 7.42 2.60
C ARG A 238 -36.79 7.86 3.18
N ASN A 239 -36.79 8.22 4.45
CA ASN A 239 -35.57 8.61 5.14
C ASN A 239 -34.56 7.47 5.16
N ARG A 240 -35.02 6.26 5.38
CA ARG A 240 -34.09 5.14 5.42
C ARG A 240 -33.51 4.89 4.02
N ASP A 241 -34.34 4.98 2.98
CA ASP A 241 -33.86 4.79 1.62
C ASP A 241 -32.84 5.86 1.25
N TYR A 242 -33.14 7.10 1.65
CA TYR A 242 -32.29 8.23 1.31
C TYR A 242 -30.94 8.12 1.97
N THR A 243 -30.92 7.79 3.27
CA THR A 243 -29.67 7.66 4.00
CA THR A 243 -29.65 7.69 3.96
C THR A 243 -28.89 6.44 3.50
N ALA A 244 -29.59 5.39 3.10
CA ALA A 244 -28.92 4.24 2.49
C ALA A 244 -28.19 4.66 1.21
N ASP A 245 -28.85 5.47 0.36
CA ASP A 245 -28.21 5.93 -0.86
C ASP A 245 -26.97 6.75 -0.56
N GLU A 246 -27.07 7.60 0.47
CA GLU A 246 -25.94 8.43 0.87
C GLU A 246 -24.79 7.56 1.35
N MET A 247 -25.12 6.50 2.09
CA MET A 247 -24.12 5.56 2.60
C MET A 247 -23.39 4.89 1.45
N HIS A 248 -24.17 4.38 0.50
CA HIS A 248 -23.59 3.69 -0.64
CA HIS A 248 -23.66 3.70 -0.69
C HIS A 248 -22.70 4.60 -1.46
N SER A 249 -23.12 5.85 -1.65
CA SER A 249 -22.31 6.82 -2.38
CA SER A 249 -22.30 6.81 -2.38
C SER A 249 -20.96 7.09 -1.69
N ALA A 250 -20.98 7.23 -0.37
CA ALA A 250 -19.73 7.49 0.35
C ALA A 250 -18.77 6.31 0.22
N LEU A 251 -19.28 5.10 0.35
CA LEU A 251 -18.42 3.91 0.28
C LEU A 251 -17.87 3.77 -1.13
N ASN A 252 -18.72 3.97 -2.14
CA ASN A 252 -18.25 3.94 -3.52
C ASN A 252 -17.21 5.03 -3.77
N ALA A 253 -17.40 6.19 -3.15
CA ALA A 253 -16.43 7.28 -3.30
C ALA A 253 -15.07 6.92 -2.71
N LEU A 254 -15.06 6.31 -1.52
CA LEU A 254 -13.80 5.86 -0.93
C LEU A 254 -13.10 4.89 -1.86
N GLU A 255 -13.82 3.90 -2.35
CA GLU A 255 -13.22 2.91 -3.24
C GLU A 255 -12.70 3.54 -4.54
N SER A 256 -13.52 4.40 -5.16
CA SER A 256 -13.11 5.13 -6.35
C SER A 256 -11.80 5.88 -6.16
N VAL A 257 -11.72 6.68 -5.10
CA VAL A 257 -10.51 7.49 -4.86
C VAL A 257 -9.31 6.61 -4.52
N LEU A 258 -9.51 5.58 -3.70
CA LEU A 258 -8.40 4.67 -3.38
C LEU A 258 -7.81 4.09 -4.66
N ASN A 259 -8.67 3.83 -5.64
CA ASN A 259 -8.25 3.34 -6.95
C ASN A 259 -7.80 4.42 -7.92
N GLY A 260 -7.70 5.66 -7.44
CA GLY A 260 -7.14 6.73 -8.25
C GLY A 260 -8.13 7.35 -9.20
N GLN A 261 -9.40 7.14 -8.93
CA GLN A 261 -10.48 7.66 -9.77
C GLN A 261 -11.26 8.80 -9.10
N GLN A 262 -11.91 9.63 -9.90
CA GLN A 262 -12.83 10.61 -9.34
C GLN A 262 -14.09 9.94 -8.81
N PRO A 263 -14.63 10.46 -7.70
CA PRO A 263 -15.88 9.92 -7.15
C PRO A 263 -17.11 10.29 -8.01
N LYS A 264 -18.22 9.58 -7.76
CA LYS A 264 -19.51 9.75 -8.45
C LYS A 264 -19.52 9.14 -9.85
N THR B 15 1.05 -3.39 10.44
CA THR B 15 1.74 -2.51 9.49
C THR B 15 1.60 -3.05 8.06
N SER B 16 2.03 -2.23 7.09
CA SER B 16 1.84 -2.54 5.67
C SER B 16 3.10 -3.12 5.03
N ILE B 17 2.97 -3.65 3.82
CA ILE B 17 4.14 -4.22 3.14
C ILE B 17 5.17 -3.15 2.83
N VAL B 18 4.71 -2.01 2.32
CA VAL B 18 5.62 -0.91 2.06
C VAL B 18 6.38 -0.53 3.34
N GLU B 19 5.67 -0.46 4.46
CA GLU B 19 6.30 -0.06 5.70
C GLU B 19 7.37 -1.05 6.12
N MET B 20 7.07 -2.33 5.96
CA MET B 20 8.00 -3.37 6.39
C MET B 20 9.24 -3.38 5.51
N MET B 21 9.11 -2.92 4.28
CA MET B 21 10.24 -2.99 3.36
C MET B 21 11.12 -1.74 3.39
N GLN B 22 10.77 -0.75 4.23
CA GLN B 22 11.53 0.50 4.23
C GLN B 22 13.00 0.28 4.61
N MET B 23 13.25 -0.39 5.73
CA MET B 23 14.63 -0.61 6.17
C MET B 23 15.42 -1.54 5.21
N PRO B 24 14.85 -2.68 4.78
CA PRO B 24 15.62 -3.51 3.86
C PRO B 24 15.90 -2.85 2.50
N THR B 25 15.00 -2.00 2.03
CA THR B 25 15.22 -1.23 0.81
C THR B 25 16.42 -0.31 0.98
N GLN B 26 16.47 0.39 2.10
CA GLN B 26 17.58 1.29 2.38
C GLN B 26 18.89 0.54 2.41
N GLN B 27 18.89 -0.63 3.03
CA GLN B 27 20.17 -1.32 3.21
C GLN B 27 20.63 -1.88 1.89
N LEU B 28 19.69 -2.37 1.08
CA LEU B 28 20.02 -2.86 -0.24
C LEU B 28 20.52 -1.72 -1.12
N LYS B 29 19.82 -0.59 -1.10
CA LYS B 29 20.28 0.60 -1.81
C LYS B 29 21.70 0.94 -1.39
N GLN B 30 21.93 0.99 -0.08
CA GLN B 30 23.24 1.36 0.45
C GLN B 30 24.34 0.43 -0.05
N SER B 31 24.05 -0.87 -0.06
CA SER B 31 25.08 -1.86 -0.42
C SER B 31 25.41 -1.80 -1.91
N VAL B 32 24.42 -1.46 -2.74
CA VAL B 32 24.66 -1.30 -4.19
C VAL B 32 25.50 -0.05 -4.44
N MET B 33 25.11 1.06 -3.85
CA MET B 33 25.83 2.31 -4.06
C MET B 33 27.28 2.24 -3.55
N ASP B 34 27.48 1.57 -2.41
CA ASP B 34 28.81 1.40 -1.85
C ASP B 34 29.73 0.65 -2.81
N LEU B 35 29.18 -0.36 -3.48
CA LEU B 35 29.99 -1.12 -4.41
C LEU B 35 30.26 -0.32 -5.67
N LEU B 36 29.24 0.40 -6.16
CA LEU B 36 29.40 1.07 -7.46
C LEU B 36 30.20 2.35 -7.36
N THR B 37 30.30 2.92 -6.17
CA THR B 37 31.10 4.15 -6.01
C THR B 37 32.52 3.85 -5.50
N TYR B 38 32.92 2.58 -5.49
CA TYR B 38 34.28 2.21 -5.15
C TYR B 38 35.21 2.70 -6.26
N GLU B 39 36.27 3.39 -5.88
CA GLU B 39 37.12 4.07 -6.86
C GLU B 39 38.06 3.14 -7.61
N GLY B 40 38.31 1.97 -7.06
CA GLY B 40 39.23 1.04 -7.67
C GLY B 40 40.60 1.06 -7.01
N SER B 41 41.54 0.32 -7.59
CA SER B 41 42.85 0.14 -6.97
C SER B 41 43.85 1.21 -7.37
#